data_5Y66
#
_entry.id   5Y66
#
_cell.length_a   46.370
_cell.length_b   86.242
_cell.length_c   121.186
_cell.angle_alpha   90.00
_cell.angle_beta   90.00
_cell.angle_gamma   90.00
#
_symmetry.space_group_name_H-M   'P 21 21 21'
#
loop_
_entity.id
_entity.type
_entity.pdbx_description
1 polymer 'Kynurenine 3-monooxygenase'
2 non-polymer 'FLAVIN-ADENINE DINUCLEOTIDE'
3 non-polymer 3,4-dimethoxy-N-[4-(3-nitrophenyl)-1,3-thiazol-2-yl]benzenesulfonamide
4 non-polymer '(2S)-2-amino-4-(2-aminophenyl)-4-oxobutanoic acid'
5 water water
#
_entity_poly.entity_id   1
_entity_poly.type   'polypeptide(L)'
_entity_poly.pdbx_seq_one_letter_code
;MGTATDNARQVTIIGAGLAGTLVARLLARNGWQVNLFERRPDPRIETGARGRSINLALAERGAHALRLAGLEREVLAEAV
MMRGRMVHVPGTPPNLQPYGRDDSEVIWSINRDRLNRILLDGAEAAGASIHFNLGLDSVDFARQRLTLSNVSGERLEKRF
HLLIGADGCNSAVRQAMASVVDLGEHLETQPHGYKELQITPEASAQFNLEPNALHIWPHGDYMCIALPNLDRSFTVTLFL
HHQSPAAQPASPCFAQLVDGHAARRFFQRQFPDLSPMLDSLEQDFEHHPTGKLATLRLTTWHVGGQAVLLGDAAHPMVPF
HGQGMNCALEDAVALAEHLQSAADNASALAAFTAQRQPDALAIQAMALENYVEMSSKVASPTYLLERELGQIMAQRQPTR
FIPRYSMVTFSRLPYAQAMARGQIQEQLLKFAVANHSDLTSINLDAVEHEVTRCLPPLSHLCAAALEHHHHHH
;
_entity_poly.pdbx_strand_id   A
#
loop_
_chem_comp.id
_chem_comp.type
_chem_comp.name
_chem_comp.formula
7ZR non-polymer 3,4-dimethoxy-N-[4-(3-nitrophenyl)-1,3-thiazol-2-yl]benzenesulfonamide 'C17 H15 N3 O6 S2'
FAD non-polymer 'FLAVIN-ADENINE DINUCLEOTIDE' 'C27 H33 N9 O15 P2'
#
# COMPACT_ATOMS: atom_id res chain seq x y z
N ARG A 9 3.84 -8.93 -28.46
CA ARG A 9 5.12 -8.65 -29.09
C ARG A 9 6.28 -8.52 -28.09
N GLN A 10 7.05 -7.45 -28.25
CA GLN A 10 8.20 -7.19 -27.39
C GLN A 10 7.92 -6.11 -26.34
N VAL A 11 8.53 -6.26 -25.18
CA VAL A 11 8.34 -5.31 -24.11
C VAL A 11 9.61 -5.20 -23.26
N THR A 12 9.95 -3.97 -22.87
CA THR A 12 11.03 -3.73 -21.94
C THR A 12 10.44 -3.16 -20.65
N ILE A 13 10.75 -3.79 -19.53
CA ILE A 13 10.16 -3.39 -18.27
C ILE A 13 11.26 -2.91 -17.36
N ILE A 14 11.11 -1.71 -16.80
CA ILE A 14 12.11 -1.21 -15.87
C ILE A 14 11.61 -1.31 -14.43
N GLY A 15 12.31 -2.12 -13.65
CA GLY A 15 11.99 -2.32 -12.25
C GLY A 15 11.39 -3.68 -11.97
N ALA A 16 12.10 -4.49 -11.20
CA ALA A 16 11.59 -5.80 -10.85
C ALA A 16 11.12 -5.85 -9.41
N GLY A 17 10.24 -4.93 -9.05
CA GLY A 17 9.62 -4.93 -7.74
C GLY A 17 8.33 -5.73 -7.91
N LEU A 18 7.25 -5.28 -7.28
CA LEU A 18 5.99 -6.02 -7.33
C LEU A 18 5.23 -5.88 -8.66
N ALA A 19 4.96 -4.64 -9.08
CA ALA A 19 4.26 -4.42 -10.33
C ALA A 19 5.01 -5.02 -11.54
N GLY A 20 6.29 -4.69 -11.67
CA GLY A 20 7.08 -5.11 -12.81
C GLY A 20 7.19 -6.61 -12.98
N THR A 21 7.49 -7.33 -11.90
CA THR A 21 7.62 -8.78 -11.97
C THR A 21 6.27 -9.45 -12.23
N LEU A 22 5.17 -8.93 -11.66
CA LEU A 22 3.86 -9.54 -11.93
C LEU A 22 3.47 -9.33 -13.40
N VAL A 23 3.67 -8.12 -13.89
CA VAL A 23 3.28 -7.82 -15.25
C VAL A 23 4.15 -8.58 -16.24
N ALA A 24 5.42 -8.78 -15.90
CA ALA A 24 6.31 -9.56 -16.76
C ALA A 24 5.84 -11.01 -16.88
N ARG A 25 5.44 -11.60 -15.77
CA ARG A 25 4.95 -12.96 -15.81
C ARG A 25 3.70 -13.05 -16.69
N LEU A 26 2.76 -12.14 -16.48
CA LEU A 26 1.54 -12.16 -17.30
C LEU A 26 1.82 -11.92 -18.79
N LEU A 27 2.71 -11.00 -19.12
CA LEU A 27 2.98 -10.77 -20.53
C LEU A 27 3.68 -11.99 -21.12
N ALA A 28 4.62 -12.55 -20.35
CA ALA A 28 5.38 -13.74 -20.75
C ALA A 28 4.54 -15.02 -20.93
N ARG A 29 3.51 -15.18 -20.10
CA ARG A 29 2.57 -16.30 -20.29
C ARG A 29 1.78 -16.11 -21.58
N ASN A 30 1.23 -14.91 -21.76
CA ASN A 30 0.46 -14.63 -22.96
C ASN A 30 1.34 -14.46 -24.19
N GLY A 31 2.58 -14.96 -24.13
CA GLY A 31 3.46 -15.03 -25.28
C GLY A 31 4.23 -13.77 -25.69
N TRP A 32 4.59 -12.92 -24.73
CA TRP A 32 5.44 -11.75 -25.02
C TRP A 32 6.93 -12.03 -24.84
N GLN A 33 7.75 -11.49 -25.72
CA GLN A 33 9.16 -11.48 -25.42
C GLN A 33 9.38 -10.35 -24.43
N VAL A 34 9.75 -10.72 -23.21
CA VAL A 34 9.87 -9.79 -22.09
C VAL A 34 11.30 -9.64 -21.57
N ASN A 35 11.73 -8.39 -21.39
CA ASN A 35 12.99 -8.08 -20.73
C ASN A 35 12.81 -7.11 -19.55
N LEU A 36 13.25 -7.54 -18.37
CA LEU A 36 13.01 -6.80 -17.16
C LEU A 36 14.36 -6.39 -16.65
N PHE A 37 14.54 -5.10 -16.41
CA PHE A 37 15.78 -4.58 -15.89
C PHE A 37 15.60 -4.08 -14.49
N GLU A 38 16.57 -4.38 -13.64
CA GLU A 38 16.47 -4.04 -12.22
C GLU A 38 17.79 -3.45 -11.74
N ARG A 39 17.72 -2.24 -11.16
CA ARG A 39 18.88 -1.57 -10.58
C ARG A 39 19.62 -2.48 -9.60
N ARG A 40 18.86 -3.13 -8.73
CA ARG A 40 19.43 -3.89 -7.63
C ARG A 40 19.90 -5.29 -8.03
N PRO A 41 20.77 -5.88 -7.19
CA PRO A 41 21.27 -7.25 -7.38
C PRO A 41 20.16 -8.27 -7.16
N ASP A 42 20.25 -9.41 -7.82
CA ASP A 42 19.28 -10.49 -7.62
C ASP A 42 19.28 -10.85 -6.16
N PRO A 43 18.09 -10.75 -5.52
CA PRO A 43 17.98 -10.98 -4.08
C PRO A 43 17.82 -12.46 -3.76
N ARG A 44 17.86 -13.30 -4.79
CA ARG A 44 17.69 -14.75 -4.59
C ARG A 44 18.98 -15.50 -4.20
N ILE A 45 20.13 -14.89 -4.39
CA ILE A 45 21.40 -15.44 -3.93
C ILE A 45 21.44 -15.50 -2.41
N GLU A 46 21.74 -16.66 -1.83
CA GLU A 46 21.72 -16.82 -0.37
C GLU A 46 22.95 -16.24 0.34
N THR A 47 22.71 -15.44 1.38
CA THR A 47 23.78 -14.78 2.14
C THR A 47 23.70 -15.01 3.66
N GLY A 48 24.63 -14.40 4.39
CA GLY A 48 24.62 -14.48 5.84
C GLY A 48 23.87 -13.33 6.51
N ALA A 49 23.03 -12.65 5.73
CA ALA A 49 22.27 -11.50 6.22
C ALA A 49 20.93 -11.90 6.80
N ARG A 50 20.45 -11.15 7.79
CA ARG A 50 19.08 -11.31 8.27
C ARG A 50 18.07 -10.57 7.38
N GLY A 51 18.49 -9.42 6.87
CA GLY A 51 17.68 -8.65 5.92
C GLY A 51 17.03 -7.41 6.52
N ARG A 52 16.23 -6.71 5.71
CA ARG A 52 15.46 -5.56 6.17
C ARG A 52 14.15 -6.02 6.80
N SER A 53 13.55 -7.03 6.19
CA SER A 53 12.43 -7.77 6.79
C SER A 53 11.12 -6.98 6.90
N ILE A 54 10.90 -6.08 5.93
CA ILE A 54 9.67 -5.31 5.77
C ILE A 54 8.41 -6.19 5.58
N ASN A 55 7.34 -5.85 6.30
CA ASN A 55 6.06 -6.55 6.15
C ASN A 55 5.02 -5.73 5.39
N LEU A 56 4.27 -6.40 4.52
CA LEU A 56 3.21 -5.74 3.77
C LEU A 56 1.90 -6.43 3.99
N ALA A 57 0.83 -5.63 4.04
CA ALA A 57 -0.53 -6.15 4.15
C ALA A 57 -1.10 -6.42 2.77
N LEU A 58 -1.34 -7.69 2.50
CA LEU A 58 -1.92 -8.16 1.27
C LEU A 58 -3.41 -8.45 1.46
N ALA A 59 -4.25 -7.75 0.70
CA ALA A 59 -5.71 -7.91 0.82
C ALA A 59 -6.26 -8.75 -0.33
N GLU A 60 -7.58 -8.94 -0.31
CA GLU A 60 -8.27 -9.75 -1.30
C GLU A 60 -7.95 -9.25 -2.70
N ARG A 61 -7.76 -7.94 -2.77
CA ARG A 61 -7.51 -7.25 -4.02
C ARG A 61 -6.20 -7.75 -4.62
N GLY A 62 -5.11 -7.60 -3.88
CA GLY A 62 -3.82 -8.12 -4.30
C GLY A 62 -3.75 -9.64 -4.41
N ALA A 63 -4.43 -10.34 -3.51
CA ALA A 63 -4.39 -11.79 -3.56
C ALA A 63 -5.03 -12.27 -4.87
N HIS A 64 -6.10 -11.60 -5.28
CA HIS A 64 -6.78 -11.93 -6.52
C HIS A 64 -5.88 -11.82 -7.75
N ALA A 65 -5.10 -10.74 -7.81
CA ALA A 65 -4.13 -10.55 -8.88
C ALA A 65 -3.14 -11.71 -8.89
N LEU A 66 -2.66 -12.11 -7.71
CA LEU A 66 -1.73 -13.25 -7.66
C LEU A 66 -2.42 -14.55 -8.08
N ARG A 67 -3.71 -14.64 -7.80
CA ARG A 67 -4.51 -15.80 -8.24
C ARG A 67 -4.51 -15.85 -9.77
N LEU A 68 -4.69 -14.70 -10.39
CA LEU A 68 -4.70 -14.65 -11.84
C LEU A 68 -3.36 -15.10 -12.42
N ALA A 69 -2.26 -14.78 -11.73
CA ALA A 69 -0.93 -15.17 -12.20
C ALA A 69 -0.55 -16.61 -11.83
N GLY A 70 -1.41 -17.28 -11.07
CA GLY A 70 -1.14 -18.63 -10.61
C GLY A 70 -0.06 -18.66 -9.53
N LEU A 71 0.07 -17.57 -8.78
CA LEU A 71 1.09 -17.45 -7.72
C LEU A 71 0.51 -17.33 -6.30
N GLU A 72 -0.82 -17.37 -6.18
CA GLU A 72 -1.42 -17.11 -4.88
C GLU A 72 -1.02 -18.10 -3.79
N ARG A 73 -1.07 -19.39 -4.12
CA ARG A 73 -0.75 -20.45 -3.14
C ARG A 73 0.66 -20.31 -2.58
N GLU A 74 1.60 -20.03 -3.47
CA GLU A 74 2.99 -19.93 -3.08
C GLU A 74 3.16 -18.78 -2.08
N VAL A 75 2.57 -17.63 -2.41
CA VAL A 75 2.67 -16.46 -1.55
C VAL A 75 1.97 -16.66 -0.22
N LEU A 76 0.73 -17.16 -0.27
CA LEU A 76 -0.01 -17.40 0.95
C LEU A 76 0.67 -18.42 1.90
N ALA A 77 1.43 -19.35 1.33
CA ALA A 77 2.14 -20.34 2.16
C ALA A 77 3.06 -19.71 3.22
N GLU A 78 3.58 -18.51 2.94
CA GLU A 78 4.43 -17.80 3.89
C GLU A 78 3.75 -16.61 4.56
N ALA A 79 2.44 -16.46 4.38
CA ALA A 79 1.70 -15.34 4.95
C ALA A 79 1.17 -15.63 6.35
N VAL A 80 1.20 -14.61 7.21
CA VAL A 80 0.58 -14.71 8.51
C VAL A 80 -0.79 -14.07 8.35
N MET A 81 -1.81 -14.77 8.81
CA MET A 81 -3.19 -14.33 8.69
C MET A 81 -3.55 -13.34 9.79
N MET A 82 -4.14 -12.22 9.41
CA MET A 82 -4.59 -11.22 10.35
C MET A 82 -6.13 -11.17 10.31
N ARG A 83 -6.74 -11.50 11.45
CA ARG A 83 -8.17 -11.73 11.52
C ARG A 83 -8.89 -10.45 11.92
N GLY A 84 -8.15 -9.56 12.57
CA GLY A 84 -8.69 -8.29 12.98
C GLY A 84 -7.61 -7.26 13.20
N ARG A 85 -8.02 -6.08 13.63
CA ARG A 85 -7.11 -5.01 14.01
C ARG A 85 -7.13 -4.92 15.55
N MET A 86 -5.95 -4.92 16.17
CA MET A 86 -5.86 -4.85 17.63
C MET A 86 -5.39 -3.46 18.06
N VAL A 87 -6.25 -2.69 18.72
CA VAL A 87 -5.88 -1.32 19.08
C VAL A 87 -5.48 -1.19 20.53
N HIS A 88 -4.22 -0.81 20.74
CA HIS A 88 -3.62 -0.73 22.05
C HIS A 88 -3.62 0.70 22.53
N VAL A 89 -4.30 0.91 23.65
CA VAL A 89 -4.31 2.19 24.31
C VAL A 89 -4.12 1.94 25.79
N PRO A 90 -3.16 2.64 26.40
CA PRO A 90 -2.79 2.39 27.80
C PRO A 90 -3.96 2.59 28.75
N GLY A 91 -4.12 1.69 29.72
CA GLY A 91 -5.25 1.77 30.64
C GLY A 91 -6.52 1.22 30.03
N THR A 92 -6.35 0.50 28.93
CA THR A 92 -7.45 -0.08 28.18
C THR A 92 -7.12 -1.54 27.88
N PRO A 93 -8.14 -2.40 27.90
CA PRO A 93 -8.01 -3.79 27.43
C PRO A 93 -7.85 -3.82 25.91
N PRO A 94 -6.69 -4.28 25.42
CA PRO A 94 -6.40 -4.24 23.98
C PRO A 94 -7.53 -4.88 23.19
N ASN A 95 -8.43 -4.08 22.62
CA ASN A 95 -9.59 -4.64 21.94
C ASN A 95 -9.37 -4.97 20.46
N LEU A 96 -9.76 -6.18 20.10
CA LEU A 96 -9.59 -6.73 18.77
C LEU A 96 -10.86 -6.53 17.96
N GLN A 97 -10.82 -5.59 17.01
CA GLN A 97 -11.92 -5.37 16.09
C GLN A 97 -11.75 -6.32 14.93
N PRO A 98 -12.54 -7.41 14.88
CA PRO A 98 -12.42 -8.39 13.81
C PRO A 98 -12.69 -7.75 12.46
N TYR A 99 -12.30 -8.45 11.39
CA TYR A 99 -12.42 -7.91 10.05
C TYR A 99 -13.68 -8.38 9.33
N GLY A 100 -14.72 -7.57 9.41
CA GLY A 100 -16.02 -7.89 8.87
C GLY A 100 -17.07 -7.82 9.96
N ARG A 101 -18.15 -8.58 9.79
CA ARG A 101 -19.13 -8.82 10.85
C ARG A 101 -19.04 -10.32 11.17
N ASP A 102 -18.23 -11.01 10.37
CA ASP A 102 -18.03 -12.45 10.47
C ASP A 102 -16.54 -12.69 10.71
N ASP A 103 -16.00 -13.73 10.09
CA ASP A 103 -14.55 -13.93 10.05
C ASP A 103 -14.06 -14.79 8.88
N SER A 104 -14.72 -14.67 7.73
CA SER A 104 -14.21 -15.25 6.49
C SER A 104 -13.18 -14.31 5.86
N GLU A 105 -13.40 -13.01 6.05
CA GLU A 105 -12.54 -11.99 5.51
C GLU A 105 -11.27 -11.89 6.35
N VAL A 106 -10.12 -11.82 5.69
CA VAL A 106 -8.86 -11.69 6.39
C VAL A 106 -7.89 -10.82 5.61
N ILE A 107 -6.80 -10.43 6.25
CA ILE A 107 -5.74 -9.70 5.58
C ILE A 107 -4.50 -10.50 5.88
N TRP A 108 -3.60 -10.61 4.93
CA TRP A 108 -2.40 -11.42 5.11
C TRP A 108 -1.17 -10.54 5.37
N SER A 109 -0.28 -11.01 6.25
CA SER A 109 1.00 -10.37 6.43
C SER A 109 2.07 -11.16 5.69
N ILE A 110 2.59 -10.58 4.63
CA ILE A 110 3.63 -11.21 3.82
C ILE A 110 4.90 -10.37 3.86
N ASN A 111 6.04 -11.04 4.01
CA ASN A 111 7.34 -10.40 3.94
C ASN A 111 7.63 -9.89 2.53
N ARG A 112 7.94 -8.61 2.39
CA ARG A 112 8.16 -8.02 1.06
C ARG A 112 9.22 -8.76 0.26
N ASP A 113 10.30 -9.16 0.93
CA ASP A 113 11.36 -9.79 0.18
C ASP A 113 10.97 -11.21 -0.26
N ARG A 114 10.18 -11.93 0.54
CA ARG A 114 9.71 -13.25 0.15
C ARG A 114 8.87 -13.09 -1.11
N LEU A 115 7.98 -12.11 -1.08
CA LEU A 115 7.04 -11.90 -2.16
C LEU A 115 7.81 -11.65 -3.43
N ASN A 116 8.80 -10.76 -3.36
CA ASN A 116 9.56 -10.40 -4.54
C ASN A 116 10.28 -11.61 -5.18
N ARG A 117 10.78 -12.50 -4.34
CA ARG A 117 11.49 -13.69 -4.81
C ARG A 117 10.53 -14.66 -5.49
N ILE A 118 9.37 -14.87 -4.87
CA ILE A 118 8.33 -15.69 -5.49
C ILE A 118 8.06 -15.10 -6.88
N LEU A 119 7.82 -13.80 -6.91
CA LEU A 119 7.52 -13.10 -8.15
C LEU A 119 8.61 -13.24 -9.21
N LEU A 120 9.87 -12.98 -8.84
CA LEU A 120 10.99 -13.16 -9.78
C LEU A 120 11.01 -14.58 -10.35
N ASP A 121 10.93 -15.59 -9.49
CA ASP A 121 10.89 -16.99 -9.91
C ASP A 121 9.75 -17.24 -10.85
N GLY A 122 8.61 -16.60 -10.59
CA GLY A 122 7.45 -16.77 -11.43
C GLY A 122 7.60 -16.04 -12.75
N ALA A 123 8.28 -14.91 -12.71
CA ALA A 123 8.53 -14.19 -13.94
C ALA A 123 9.40 -15.03 -14.90
N GLU A 124 10.43 -15.66 -14.36
CA GLU A 124 11.37 -16.41 -15.18
C GLU A 124 10.75 -17.70 -15.68
N ALA A 125 9.95 -18.34 -14.82
CA ALA A 125 9.31 -19.60 -15.20
C ALA A 125 8.31 -19.40 -16.34
N ALA A 126 7.93 -18.16 -16.60
CA ALA A 126 7.03 -17.88 -17.73
C ALA A 126 7.79 -17.48 -19.01
N GLY A 127 9.12 -17.38 -18.91
CA GLY A 127 9.92 -16.99 -20.06
C GLY A 127 10.55 -15.61 -20.01
N ALA A 128 10.29 -14.83 -18.97
CA ALA A 128 10.90 -13.49 -18.88
C ALA A 128 12.40 -13.57 -18.53
N SER A 129 13.22 -12.78 -19.24
CA SER A 129 14.65 -12.66 -18.94
C SER A 129 14.89 -11.46 -18.02
N ILE A 130 15.41 -11.70 -16.84
CA ILE A 130 15.62 -10.63 -15.86
C ILE A 130 17.08 -10.23 -15.81
N HIS A 131 17.33 -8.94 -15.87
CA HIS A 131 18.70 -8.44 -15.86
C HIS A 131 18.95 -7.50 -14.69
N PHE A 132 19.76 -7.98 -13.75
CA PHE A 132 20.02 -7.23 -12.52
C PHE A 132 21.23 -6.30 -12.61
N ASN A 133 21.41 -5.47 -11.59
CA ASN A 133 22.56 -4.57 -11.55
C ASN A 133 22.57 -3.60 -12.73
N LEU A 134 21.37 -3.21 -13.15
CA LEU A 134 21.21 -2.28 -14.26
C LEU A 134 20.11 -1.27 -13.96
N GLY A 135 20.48 -0.01 -13.83
CA GLY A 135 19.52 1.05 -13.60
C GLY A 135 19.30 1.89 -14.84
N LEU A 136 18.03 2.17 -15.15
CA LEU A 136 17.71 3.14 -16.19
C LEU A 136 18.31 4.51 -15.86
N ASP A 137 18.95 5.15 -16.85
CA ASP A 137 19.50 6.49 -16.70
C ASP A 137 18.69 7.50 -17.50
N SER A 138 18.37 7.13 -18.73
CA SER A 138 17.82 8.05 -19.72
C SER A 138 17.04 7.31 -20.80
N VAL A 139 16.23 8.05 -21.54
CA VAL A 139 15.42 7.45 -22.59
C VAL A 139 15.40 8.36 -23.81
N ASP A 140 15.86 7.85 -24.94
CA ASP A 140 15.72 8.58 -26.20
C ASP A 140 14.47 8.07 -26.90
N PHE A 141 13.39 8.85 -26.84
CA PHE A 141 12.12 8.45 -27.41
C PHE A 141 12.08 8.52 -28.94
N ALA A 142 12.80 9.48 -29.53
CA ALA A 142 12.79 9.62 -30.99
C ALA A 142 13.49 8.42 -31.64
N ARG A 143 14.61 8.02 -31.06
CA ARG A 143 15.43 6.97 -31.65
C ARG A 143 15.23 5.67 -30.90
N GLN A 144 14.25 5.66 -30.00
CA GLN A 144 13.86 4.46 -29.24
C GLN A 144 15.02 3.69 -28.61
N ARG A 145 15.80 4.40 -27.82
CA ARG A 145 17.02 3.86 -27.24
C ARG A 145 16.96 4.01 -25.74
N LEU A 146 17.49 3.03 -25.01
CA LEU A 146 17.54 3.11 -23.57
C LEU A 146 18.97 3.12 -23.12
N THR A 147 19.27 3.89 -22.09
CA THR A 147 20.58 3.81 -21.48
C THR A 147 20.50 3.33 -20.04
N LEU A 148 21.23 2.25 -19.78
CA LEU A 148 21.32 1.69 -18.46
C LEU A 148 22.72 1.89 -17.92
N SER A 149 22.86 1.83 -16.60
CA SER A 149 24.17 1.93 -15.98
C SER A 149 24.33 0.91 -14.85
N ASN A 150 25.55 0.40 -14.74
CA ASN A 150 25.92 -0.46 -13.64
C ASN A 150 26.80 0.33 -12.68
N VAL A 151 26.76 -0.03 -11.40
CA VAL A 151 27.53 0.67 -10.38
C VAL A 151 29.03 0.73 -10.67
N SER A 152 29.55 -0.27 -11.38
CA SER A 152 30.96 -0.27 -11.76
C SER A 152 31.23 0.86 -12.78
N GLY A 153 30.16 1.55 -13.17
CA GLY A 153 30.28 2.73 -13.99
C GLY A 153 29.74 2.59 -15.39
N GLU A 154 30.00 1.45 -16.03
CA GLU A 154 29.76 1.29 -17.47
C GLU A 154 28.32 1.60 -17.89
N ARG A 155 28.16 1.98 -19.15
CA ARG A 155 26.84 2.27 -19.70
C ARG A 155 26.51 1.26 -20.77
N LEU A 156 25.21 1.04 -20.97
CA LEU A 156 24.74 0.07 -21.94
C LEU A 156 23.48 0.58 -22.63
N GLU A 157 23.53 0.76 -23.95
CA GLU A 157 22.37 1.13 -24.76
C GLU A 157 21.60 -0.07 -25.31
N LYS A 158 20.30 -0.08 -25.10
CA LYS A 158 19.45 -1.11 -25.66
C LYS A 158 18.34 -0.43 -26.47
N ARG A 159 17.92 -1.03 -27.58
CA ARG A 159 16.72 -0.53 -28.24
C ARG A 159 15.51 -1.02 -27.44
N PHE A 160 14.36 -0.38 -27.64
CA PHE A 160 13.15 -0.88 -27.00
C PHE A 160 11.96 -0.61 -27.91
N HIS A 161 10.86 -1.35 -27.73
CA HIS A 161 9.63 -1.13 -28.47
C HIS A 161 8.51 -0.60 -27.57
N LEU A 162 8.26 -1.31 -26.48
CA LEU A 162 7.35 -0.82 -25.46
C LEU A 162 8.15 -0.71 -24.18
N LEU A 163 8.01 0.41 -23.49
CA LEU A 163 8.73 0.62 -22.25
C LEU A 163 7.74 0.64 -21.09
N ILE A 164 7.95 -0.23 -20.11
CA ILE A 164 7.09 -0.19 -18.92
C ILE A 164 7.89 0.25 -17.72
N GLY A 165 7.52 1.42 -17.18
CA GLY A 165 8.13 1.96 -15.99
C GLY A 165 7.45 1.43 -14.75
N ALA A 166 8.08 0.43 -14.14
CA ALA A 166 7.57 -0.15 -12.90
C ALA A 166 8.64 0.06 -11.86
N ASP A 167 9.23 1.24 -11.87
CA ASP A 167 10.49 1.48 -11.17
C ASP A 167 10.33 2.37 -9.93
N GLY A 168 9.16 2.34 -9.34
CA GLY A 168 9.01 2.82 -7.98
C GLY A 168 8.73 4.29 -7.86
N CYS A 169 8.67 4.77 -6.62
CA CYS A 169 8.09 6.08 -6.36
C CYS A 169 8.98 7.22 -6.86
N ASN A 170 10.24 6.92 -7.15
CA ASN A 170 11.12 7.90 -7.78
C ASN A 170 11.53 7.46 -9.16
N SER A 171 10.58 6.86 -9.87
CA SER A 171 10.72 6.33 -11.21
C SER A 171 11.57 7.22 -12.13
N ALA A 172 12.62 6.65 -12.71
CA ALA A 172 13.46 7.33 -13.69
C ALA A 172 12.77 7.35 -15.06
N VAL A 173 11.96 6.33 -15.32
CA VAL A 173 11.12 6.31 -16.51
C VAL A 173 10.16 7.50 -16.54
N ARG A 174 9.44 7.71 -15.44
CA ARG A 174 8.55 8.86 -15.32
C ARG A 174 9.32 10.13 -15.59
N GLN A 175 10.52 10.23 -15.02
CA GLN A 175 11.35 11.40 -15.17
C GLN A 175 11.74 11.57 -16.63
N ALA A 176 12.06 10.47 -17.30
CA ALA A 176 12.43 10.53 -18.71
C ALA A 176 11.25 10.97 -19.56
N MET A 177 10.05 10.55 -19.15
CA MET A 177 8.81 10.89 -19.87
C MET A 177 8.51 12.37 -19.77
N ALA A 178 8.65 12.91 -18.57
CA ALA A 178 8.46 14.32 -18.30
C ALA A 178 9.34 15.20 -19.21
N SER A 179 10.53 14.71 -19.56
CA SER A 179 11.39 15.43 -20.50
C SER A 179 10.72 15.67 -21.85
N VAL A 180 9.81 14.78 -22.24
CA VAL A 180 9.21 14.88 -23.56
C VAL A 180 7.69 15.13 -23.57
N VAL A 181 7.04 15.01 -22.42
CA VAL A 181 5.66 15.49 -22.30
C VAL A 181 5.35 16.05 -20.92
N ASP A 182 4.28 16.83 -20.83
CA ASP A 182 3.91 17.40 -19.56
C ASP A 182 2.95 16.47 -18.84
N LEU A 183 3.42 15.92 -17.74
CA LEU A 183 2.66 14.95 -16.97
C LEU A 183 1.67 15.61 -15.99
N GLY A 184 1.68 16.94 -15.94
CA GLY A 184 0.74 17.66 -15.10
C GLY A 184 0.87 17.24 -13.65
N GLU A 185 2.10 17.06 -13.20
CA GLU A 185 2.35 16.53 -11.87
C GLU A 185 1.89 17.52 -10.79
N HIS A 186 1.35 16.98 -9.71
CA HIS A 186 1.09 17.75 -8.51
C HIS A 186 1.55 16.91 -7.34
N LEU A 187 2.55 17.39 -6.62
CA LEU A 187 3.07 16.70 -5.46
C LEU A 187 2.43 17.27 -4.21
N GLU A 188 1.87 16.38 -3.41
CA GLU A 188 1.38 16.76 -2.09
C GLU A 188 2.21 16.01 -1.06
N THR A 189 2.91 16.75 -0.23
CA THR A 189 3.84 16.13 0.71
C THR A 189 3.15 15.80 2.02
N GLN A 190 3.67 14.77 2.69
CA GLN A 190 3.13 14.32 3.95
C GLN A 190 4.11 14.70 5.06
N PRO A 191 3.60 15.34 6.12
CA PRO A 191 4.51 15.86 7.14
C PRO A 191 5.10 14.75 7.99
N HIS A 192 4.58 13.54 7.81
CA HIS A 192 5.08 12.38 8.56
C HIS A 192 6.23 11.72 7.81
N GLY A 193 7.27 11.39 8.54
CA GLY A 193 8.26 10.45 8.05
C GLY A 193 7.86 9.15 8.72
N TYR A 194 8.56 8.07 8.41
CA TYR A 194 8.36 6.84 9.15
C TYR A 194 9.71 6.21 9.45
N LYS A 195 9.74 5.35 10.47
CA LYS A 195 10.94 4.61 10.82
C LYS A 195 10.62 3.17 11.21
N GLU A 196 11.43 2.23 10.70
CA GLU A 196 11.20 0.81 10.92
C GLU A 196 11.90 0.29 12.16
N LEU A 197 11.13 -0.38 13.01
CA LEU A 197 11.63 -0.98 14.23
C LEU A 197 11.19 -2.44 14.28
N GLN A 198 11.69 -3.20 15.24
CA GLN A 198 11.27 -4.60 15.38
C GLN A 198 10.89 -5.04 16.78
N ILE A 199 9.94 -5.97 16.85
CA ILE A 199 9.59 -6.67 18.09
C ILE A 199 10.00 -8.12 17.91
N THR A 200 10.95 -8.60 18.71
CA THR A 200 11.44 -9.95 18.50
C THR A 200 10.40 -10.96 18.93
N PRO A 201 10.53 -12.19 18.38
CA PRO A 201 9.70 -13.34 18.75
C PRO A 201 9.78 -13.61 20.25
N GLU A 202 10.96 -13.42 20.82
CA GLU A 202 11.11 -13.54 22.28
C GLU A 202 10.18 -12.54 22.97
N ALA A 203 10.33 -11.26 22.62
CA ALA A 203 9.51 -10.19 23.16
C ALA A 203 8.03 -10.44 22.89
N SER A 204 7.75 -10.94 21.70
CA SER A 204 6.39 -11.16 21.25
C SER A 204 5.62 -12.18 22.08
N ALA A 205 6.28 -13.29 22.38
CA ALA A 205 5.65 -14.36 23.14
C ALA A 205 5.61 -14.03 24.63
N GLN A 206 6.56 -13.19 25.05
CA GLN A 206 6.61 -12.75 26.44
C GLN A 206 5.39 -11.91 26.76
N PHE A 207 5.07 -10.97 25.89
CA PHE A 207 3.97 -10.04 26.11
C PHE A 207 2.62 -10.58 25.63
N ASN A 208 2.65 -11.78 25.09
CA ASN A 208 1.45 -12.39 24.54
C ASN A 208 0.83 -11.42 23.56
N LEU A 209 1.68 -10.88 22.71
CA LEU A 209 1.22 -10.16 21.54
C LEU A 209 0.62 -11.18 20.60
N GLU A 210 -0.65 -11.00 20.24
CA GLU A 210 -1.32 -11.90 19.32
C GLU A 210 -0.64 -11.81 17.96
N PRO A 211 -0.13 -12.94 17.44
CA PRO A 211 0.55 -12.90 16.15
C PRO A 211 -0.44 -12.74 15.00
N ASN A 212 -1.65 -13.26 15.17
CA ASN A 212 -2.63 -13.23 14.09
C ASN A 212 -3.58 -12.00 14.08
N ALA A 213 -2.99 -10.81 14.19
CA ALA A 213 -3.76 -9.56 14.02
C ALA A 213 -2.88 -8.38 13.61
N LEU A 214 -3.49 -7.30 13.13
CA LEU A 214 -2.77 -6.06 12.89
C LEU A 214 -2.82 -5.18 14.11
N HIS A 215 -1.65 -4.80 14.61
CA HIS A 215 -1.58 -3.95 15.80
C HIS A 215 -1.33 -2.49 15.46
N ILE A 216 -2.01 -1.61 16.20
CA ILE A 216 -1.83 -0.17 16.08
C ILE A 216 -1.85 0.47 17.45
N TRP A 217 -0.92 1.38 17.71
CA TRP A 217 -0.92 2.19 18.91
C TRP A 217 -1.15 3.64 18.52
N PRO A 218 -2.43 4.05 18.46
CA PRO A 218 -2.77 5.39 17.96
C PRO A 218 -2.22 6.46 18.88
N HIS A 219 -1.76 7.60 18.36
CA HIS A 219 -1.31 8.68 19.23
C HIS A 219 -1.55 10.10 18.67
N GLY A 220 -2.61 10.28 17.89
CA GLY A 220 -2.97 11.61 17.39
C GLY A 220 -2.13 12.06 16.21
N ASP A 221 -1.17 12.94 16.47
CA ASP A 221 -0.25 13.42 15.43
C ASP A 221 0.80 12.38 15.02
N TYR A 222 0.89 11.28 15.76
CA TYR A 222 1.84 10.20 15.46
C TYR A 222 1.27 8.89 15.97
N MET A 223 1.86 7.76 15.55
CA MET A 223 1.31 6.45 15.84
C MET A 223 2.32 5.38 15.45
N CYS A 224 2.12 4.16 15.96
CA CYS A 224 2.86 2.99 15.52
C CYS A 224 1.98 1.89 14.98
N ILE A 225 2.52 1.15 14.02
CA ILE A 225 1.82 0.01 13.43
C ILE A 225 2.69 -1.25 13.52
N ALA A 226 2.04 -2.41 13.52
CA ALA A 226 2.75 -3.67 13.67
C ALA A 226 2.07 -4.77 12.89
N LEU A 227 2.78 -5.31 11.90
CA LEU A 227 2.37 -6.51 11.21
C LEU A 227 3.35 -7.61 11.63
N PRO A 228 2.84 -8.83 11.83
CA PRO A 228 3.54 -10.02 12.34
C PRO A 228 4.19 -10.89 11.22
N ASN A 229 5.21 -11.66 11.59
CA ASN A 229 5.90 -12.55 10.65
C ASN A 229 5.69 -14.01 11.03
N LEU A 230 6.11 -14.90 10.14
CA LEU A 230 6.07 -16.33 10.41
C LEU A 230 6.78 -16.69 11.73
N ASP A 231 7.89 -16.02 12.02
CA ASP A 231 8.65 -16.35 13.23
C ASP A 231 8.07 -15.72 14.51
N ARG A 232 6.93 -15.05 14.36
CA ARG A 232 6.22 -14.44 15.49
C ARG A 232 6.84 -13.12 15.97
N SER A 233 7.91 -12.70 15.30
CA SER A 233 8.38 -11.32 15.45
C SER A 233 7.37 -10.44 14.74
N PHE A 234 7.36 -9.16 15.07
CA PHE A 234 6.54 -8.15 14.39
C PHE A 234 7.42 -7.05 13.76
N THR A 235 7.05 -6.60 12.57
CA THR A 235 7.71 -5.42 12.01
C THR A 235 6.88 -4.18 12.36
N VAL A 236 7.56 -3.16 12.86
CA VAL A 236 6.87 -2.03 13.50
C VAL A 236 7.18 -0.72 12.80
N THR A 237 6.16 0.07 12.51
CA THR A 237 6.40 1.34 11.85
C THR A 237 5.88 2.52 12.67
N LEU A 238 6.78 3.49 12.86
CA LEU A 238 6.50 4.70 13.59
C LEU A 238 6.26 5.81 12.58
N PHE A 239 5.08 6.42 12.65
CA PHE A 239 4.80 7.57 11.83
C PHE A 239 4.84 8.78 12.72
N LEU A 240 5.64 9.76 12.33
CA LEU A 240 5.93 10.92 13.16
C LEU A 240 6.33 12.03 12.22
N HIS A 241 5.87 13.24 12.51
CA HIS A 241 6.37 14.43 11.82
C HIS A 241 7.89 14.47 11.75
N HIS A 242 8.44 14.94 10.63
CA HIS A 242 9.87 15.27 10.56
C HIS A 242 10.16 16.43 11.50
N GLN A 243 9.34 17.47 11.41
CA GLN A 243 9.51 18.68 12.22
C GLN A 243 8.18 19.10 12.84
N SER A 244 8.24 19.78 13.97
CA SER A 244 7.03 20.28 14.63
C SER A 244 6.54 21.52 13.90
N PRO A 245 5.23 21.61 13.65
CA PRO A 245 4.65 22.78 12.98
C PRO A 245 4.90 24.08 13.76
N ALA A 246 4.66 25.22 13.11
CA ALA A 246 4.92 26.50 13.74
C ALA A 246 4.01 26.72 14.96
N ALA A 247 2.76 26.25 14.84
CA ALA A 247 1.76 26.41 15.89
C ALA A 247 2.19 25.77 17.20
N GLN A 248 2.29 24.44 17.19
CA GLN A 248 2.76 23.69 18.36
C GLN A 248 4.23 23.29 18.19
N PRO A 249 5.16 24.22 18.50
CA PRO A 249 6.59 24.07 18.20
C PRO A 249 7.29 23.07 19.14
N ALA A 250 6.59 22.61 20.17
CA ALA A 250 7.17 21.69 21.13
C ALA A 250 6.79 20.24 20.85
N SER A 251 5.79 20.03 20.00
CA SER A 251 5.29 18.67 19.73
C SER A 251 6.35 17.73 19.14
N PRO A 252 6.27 16.44 19.48
CA PRO A 252 7.22 15.42 18.99
C PRO A 252 7.48 15.49 17.48
N CYS A 253 8.74 15.29 17.10
CA CYS A 253 9.14 15.16 15.71
C CYS A 253 10.47 14.41 15.65
N PHE A 254 10.84 13.94 14.45
CA PHE A 254 12.09 13.21 14.28
C PHE A 254 13.29 14.08 14.64
N ALA A 255 13.17 15.38 14.37
CA ALA A 255 14.23 16.32 14.68
C ALA A 255 14.71 16.22 16.14
N GLN A 256 13.74 16.12 17.07
CA GLN A 256 14.04 16.07 18.50
C GLN A 256 14.60 14.72 18.93
N LEU A 257 14.40 13.72 18.08
CA LEU A 257 14.84 12.37 18.35
C LEU A 257 16.20 12.17 17.72
N VAL A 258 17.26 12.60 18.41
CA VAL A 258 18.56 12.69 17.75
C VAL A 258 19.47 11.47 17.98
N ASP A 259 19.01 10.53 18.78
CA ASP A 259 19.70 9.24 18.92
C ASP A 259 18.76 8.24 19.56
N GLY A 260 19.21 7.01 19.73
CA GLY A 260 18.40 5.99 20.37
C GLY A 260 17.90 6.40 21.74
N HIS A 261 18.76 7.06 22.51
CA HIS A 261 18.40 7.47 23.86
C HIS A 261 17.27 8.48 23.90
N ALA A 262 17.32 9.48 23.03
CA ALA A 262 16.20 10.40 22.91
C ALA A 262 14.98 9.62 22.44
N ALA A 263 15.19 8.73 21.48
CA ALA A 263 14.16 7.85 20.95
C ALA A 263 13.54 6.95 22.02
N ARG A 264 14.40 6.35 22.85
CA ARG A 264 13.90 5.51 23.94
C ARG A 264 13.09 6.36 24.93
N ARG A 265 13.55 7.57 25.19
CA ARG A 265 12.84 8.48 26.07
C ARG A 265 11.46 8.76 25.49
N PHE A 266 11.44 9.21 24.23
CA PHE A 266 10.21 9.35 23.47
C PHE A 266 9.29 8.13 23.65
N PHE A 267 9.81 6.93 23.45
CA PHE A 267 8.94 5.75 23.51
C PHE A 267 8.44 5.43 24.90
N GLN A 268 9.27 5.69 25.91
CA GLN A 268 8.93 5.36 27.28
C GLN A 268 7.89 6.32 27.86
N ARG A 269 7.84 7.53 27.31
CA ARG A 269 6.89 8.52 27.79
C ARG A 269 5.58 8.44 27.03
N GLN A 270 5.67 8.26 25.72
CA GLN A 270 4.51 8.34 24.85
C GLN A 270 3.92 6.98 24.47
N PHE A 271 4.74 5.95 24.43
CA PHE A 271 4.27 4.62 24.10
C PHE A 271 4.68 3.64 25.19
N PRO A 272 4.27 3.92 26.43
CA PRO A 272 4.71 3.15 27.59
C PRO A 272 4.39 1.66 27.49
N ASP A 273 3.30 1.28 26.82
CA ASP A 273 2.96 -0.14 26.71
C ASP A 273 3.63 -0.82 25.52
N LEU A 274 4.08 -0.03 24.56
CA LEU A 274 4.79 -0.57 23.41
C LEU A 274 6.31 -0.64 23.65
N SER A 275 6.86 0.39 24.29
CA SER A 275 8.30 0.51 24.54
C SER A 275 9.00 -0.75 25.06
N PRO A 276 8.42 -1.42 26.08
CA PRO A 276 9.10 -2.59 26.65
C PRO A 276 9.18 -3.82 25.74
N MET A 277 8.53 -3.76 24.58
CA MET A 277 8.58 -4.83 23.60
C MET A 277 9.59 -4.50 22.51
N LEU A 278 10.22 -3.34 22.62
CA LEU A 278 11.14 -2.86 21.59
C LEU A 278 12.56 -2.87 22.11
N ASP A 279 13.11 -4.07 22.25
CA ASP A 279 14.43 -4.30 22.81
C ASP A 279 15.58 -3.60 22.06
N SER A 280 15.59 -3.71 20.73
CA SER A 280 16.64 -3.13 19.90
C SER A 280 16.27 -1.76 19.36
N LEU A 281 15.41 -1.04 20.06
CA LEU A 281 14.98 0.30 19.64
C LEU A 281 16.12 1.26 19.29
N GLU A 282 17.08 1.41 20.19
CA GLU A 282 18.21 2.34 19.95
C GLU A 282 18.94 2.02 18.66
N GLN A 283 19.31 0.74 18.49
CA GLN A 283 19.98 0.25 17.29
C GLN A 283 19.19 0.54 16.01
N ASP A 284 17.95 0.05 15.97
CA ASP A 284 17.07 0.22 14.82
C ASP A 284 16.97 1.69 14.43
N PHE A 285 16.88 2.55 15.44
CA PHE A 285 16.57 3.96 15.24
C PHE A 285 17.70 4.76 14.60
N GLU A 286 18.95 4.37 14.90
CA GLU A 286 20.14 5.03 14.37
C GLU A 286 20.56 4.48 13.01
N HIS A 287 20.31 3.19 12.79
CA HIS A 287 20.73 2.51 11.56
C HIS A 287 19.75 2.64 10.40
N HIS A 288 18.47 2.35 10.67
CA HIS A 288 17.42 2.47 9.67
C HIS A 288 17.16 3.93 9.37
N PRO A 289 17.15 4.30 8.09
CA PRO A 289 16.95 5.70 7.72
C PRO A 289 15.48 6.10 7.91
N THR A 290 15.23 7.38 8.16
CA THR A 290 13.87 7.88 8.28
C THR A 290 13.29 8.06 6.88
N GLY A 291 12.12 7.47 6.65
CA GLY A 291 11.55 7.44 5.31
C GLY A 291 10.63 8.62 5.09
N LYS A 292 10.40 8.96 3.83
CA LYS A 292 9.54 10.07 3.49
C LYS A 292 8.33 9.52 2.76
N LEU A 293 7.24 10.26 2.88
CA LEU A 293 5.95 9.91 2.30
C LEU A 293 5.45 11.11 1.49
N ALA A 294 4.58 10.83 0.53
CA ALA A 294 4.08 11.85 -0.35
C ALA A 294 2.97 11.26 -1.20
N THR A 295 2.05 12.12 -1.65
CA THR A 295 1.09 11.74 -2.68
C THR A 295 1.46 12.47 -3.96
N LEU A 296 1.65 11.74 -5.05
CA LEU A 296 1.99 12.36 -6.30
C LEU A 296 0.97 11.97 -7.37
N ARG A 297 0.36 12.98 -7.98
CA ARG A 297 -0.65 12.74 -8.98
C ARG A 297 -0.21 13.24 -10.36
N LEU A 298 -0.50 12.44 -11.38
CA LEU A 298 -0.13 12.75 -12.76
C LEU A 298 -1.40 12.73 -13.59
N THR A 299 -1.55 13.65 -14.55
CA THR A 299 -2.68 13.60 -15.50
C THR A 299 -2.46 12.52 -16.58
N THR A 300 -1.23 12.29 -16.96
CA THR A 300 -1.03 11.29 -17.99
C THR A 300 0.04 10.31 -17.58
N TRP A 301 -0.14 9.06 -17.94
CA TRP A 301 0.75 8.01 -17.51
C TRP A 301 1.48 7.39 -18.68
N HIS A 302 1.20 7.89 -19.89
CA HIS A 302 1.83 7.27 -21.04
C HIS A 302 2.32 8.25 -22.11
N VAL A 303 3.27 7.80 -22.92
CA VAL A 303 3.73 8.56 -24.08
C VAL A 303 3.40 7.77 -25.35
N GLY A 304 2.31 8.15 -26.01
CA GLY A 304 1.86 7.38 -27.17
C GLY A 304 1.76 5.92 -26.80
N GLY A 305 2.25 5.06 -27.68
CA GLY A 305 2.36 3.64 -27.39
C GLY A 305 3.78 3.22 -27.05
N GLN A 306 4.61 4.19 -26.67
CA GLN A 306 6.02 3.94 -26.35
C GLN A 306 6.30 3.60 -24.89
N ALA A 307 5.60 4.24 -23.98
CA ALA A 307 5.92 4.12 -22.56
C ALA A 307 4.70 4.32 -21.70
N VAL A 308 4.59 3.48 -20.66
CA VAL A 308 3.56 3.63 -19.66
C VAL A 308 4.16 3.40 -18.27
N LEU A 309 3.56 4.03 -17.28
CA LEU A 309 3.95 3.83 -15.89
C LEU A 309 2.86 3.04 -15.19
N LEU A 310 3.24 2.23 -14.22
CA LEU A 310 2.28 1.67 -13.26
C LEU A 310 2.83 1.55 -11.86
N GLY A 311 1.96 1.20 -10.92
CA GLY A 311 2.37 1.01 -9.55
C GLY A 311 2.78 2.33 -8.96
N ASP A 312 3.82 2.31 -8.12
CA ASP A 312 4.30 3.51 -7.44
C ASP A 312 4.89 4.54 -8.42
N ALA A 313 5.43 4.08 -9.54
CA ALA A 313 5.94 4.98 -10.57
C ALA A 313 4.85 5.94 -11.03
N ALA A 314 3.61 5.44 -11.07
CA ALA A 314 2.46 6.17 -11.61
C ALA A 314 1.70 6.99 -10.58
N HIS A 315 1.66 6.52 -9.33
CA HIS A 315 0.79 7.12 -8.32
C HIS A 315 1.25 6.86 -6.89
N PRO A 316 2.41 7.39 -6.50
CA PRO A 316 2.82 7.24 -5.09
C PRO A 316 1.71 7.68 -4.12
N MET A 317 1.56 7.00 -2.99
CA MET A 317 0.47 7.32 -2.08
C MET A 317 0.95 7.10 -0.64
N VAL A 318 0.23 7.64 0.35
CA VAL A 318 0.62 7.39 1.74
C VAL A 318 0.27 5.94 2.11
N PRO A 319 1.05 5.32 3.02
CA PRO A 319 0.78 3.91 3.32
C PRO A 319 -0.45 3.62 4.24
N PHE A 320 -1.24 4.64 4.56
CA PHE A 320 -2.22 4.54 5.65
C PHE A 320 -3.42 3.62 5.41
N HIS A 321 -3.65 3.19 4.18
CA HIS A 321 -4.69 2.19 3.97
C HIS A 321 -4.09 0.82 3.68
N GLY A 322 -2.77 0.73 3.70
CA GLY A 322 -2.10 -0.51 3.33
C GLY A 322 -2.59 -1.03 1.98
N GLN A 323 -2.58 -0.16 0.97
CA GLN A 323 -3.05 -0.61 -0.34
C GLN A 323 -2.08 -0.39 -1.53
N GLY A 324 -0.90 0.16 -1.27
CA GLY A 324 0.03 0.49 -2.35
C GLY A 324 0.40 -0.70 -3.23
N MET A 325 0.88 -1.79 -2.62
CA MET A 325 1.17 -3.02 -3.36
C MET A 325 -0.10 -3.61 -3.97
N ASN A 326 -1.16 -3.67 -3.15
CA ASN A 326 -2.45 -4.14 -3.63
C ASN A 326 -2.88 -3.39 -4.89
N CYS A 327 -2.83 -2.07 -4.86
CA CYS A 327 -3.06 -1.31 -6.08
C CYS A 327 -2.07 -1.65 -7.21
N ALA A 328 -0.78 -1.78 -6.88
CA ALA A 328 0.24 -2.08 -7.90
C ALA A 328 -0.01 -3.41 -8.63
N LEU A 329 -0.29 -4.46 -7.87
CA LEU A 329 -0.63 -5.76 -8.45
C LEU A 329 -1.91 -5.68 -9.31
N GLU A 330 -2.87 -4.87 -8.88
CA GLU A 330 -4.10 -4.63 -9.63
C GLU A 330 -3.75 -3.96 -10.97
N ASP A 331 -2.96 -2.88 -10.93
CA ASP A 331 -2.42 -2.22 -12.14
C ASP A 331 -1.75 -3.23 -13.09
N ALA A 332 -0.95 -4.14 -12.54
CA ALA A 332 -0.22 -5.08 -13.37
C ALA A 332 -1.20 -5.92 -14.16
N VAL A 333 -2.18 -6.52 -13.46
CA VAL A 333 -3.26 -7.24 -14.12
C VAL A 333 -3.91 -6.40 -15.23
N ALA A 334 -4.33 -5.18 -14.90
CA ALA A 334 -5.06 -4.36 -15.86
C ALA A 334 -4.20 -4.03 -17.10
N LEU A 335 -2.93 -3.71 -16.89
CA LEU A 335 -2.04 -3.36 -17.98
C LEU A 335 -1.90 -4.52 -18.95
N ALA A 336 -1.62 -5.72 -18.43
CA ALA A 336 -1.51 -6.91 -19.29
C ALA A 336 -2.79 -7.18 -20.06
N GLU A 337 -3.94 -7.12 -19.39
CA GLU A 337 -5.25 -7.28 -20.05
C GLU A 337 -5.36 -6.36 -21.26
N HIS A 338 -5.14 -5.06 -21.03
CA HIS A 338 -5.18 -4.08 -22.12
C HIS A 338 -4.19 -4.32 -23.27
N LEU A 339 -2.94 -4.60 -22.93
CA LEU A 339 -1.93 -4.87 -23.95
C LEU A 339 -2.32 -6.07 -24.81
N GLN A 340 -3.07 -6.99 -24.21
CA GLN A 340 -3.47 -8.21 -24.89
C GLN A 340 -4.66 -8.02 -25.81
N SER A 341 -5.63 -7.22 -25.38
CA SER A 341 -6.90 -7.10 -26.09
C SER A 341 -7.03 -5.92 -27.03
N ALA A 342 -5.94 -5.16 -27.22
CA ALA A 342 -6.01 -3.92 -28.00
C ALA A 342 -5.40 -4.05 -29.39
N ALA A 343 -5.79 -3.14 -30.28
CA ALA A 343 -5.24 -3.12 -31.64
C ALA A 343 -3.75 -2.79 -31.67
N ASP A 344 -3.31 -1.95 -30.74
CA ASP A 344 -1.92 -1.52 -30.72
C ASP A 344 -1.59 -1.00 -29.33
N ASN A 345 -0.31 -0.77 -29.10
CA ASN A 345 0.16 -0.29 -27.81
C ASN A 345 -0.45 1.03 -27.41
N ALA A 346 -0.54 1.96 -28.36
CA ALA A 346 -1.19 3.24 -28.13
C ALA A 346 -2.58 3.07 -27.50
N SER A 347 -3.49 2.39 -28.20
CA SER A 347 -4.86 2.16 -27.71
C SER A 347 -4.83 1.49 -26.34
N ALA A 348 -3.93 0.52 -26.20
CA ALA A 348 -3.83 -0.22 -24.96
C ALA A 348 -3.42 0.68 -23.79
N LEU A 349 -2.43 1.56 -24.00
CA LEU A 349 -1.90 2.36 -22.89
C LEU A 349 -2.91 3.43 -22.46
N ALA A 350 -3.46 4.14 -23.43
CA ALA A 350 -4.53 5.08 -23.18
C ALA A 350 -5.68 4.44 -22.41
N ALA A 351 -6.25 3.40 -22.99
CA ALA A 351 -7.30 2.58 -22.36
C ALA A 351 -6.97 2.15 -20.91
N PHE A 352 -5.76 1.65 -20.70
CA PHE A 352 -5.24 1.37 -19.34
C PHE A 352 -5.35 2.58 -18.38
N THR A 353 -4.71 3.69 -18.77
CA THR A 353 -4.77 4.94 -18.02
C THR A 353 -6.20 5.39 -17.73
N ALA A 354 -7.06 5.36 -18.75
CA ALA A 354 -8.43 5.80 -18.54
C ALA A 354 -9.12 4.92 -17.50
N GLN A 355 -8.72 3.66 -17.42
CA GLN A 355 -9.37 2.74 -16.50
C GLN A 355 -8.81 2.93 -15.09
N ARG A 356 -7.49 3.02 -14.99
CA ARG A 356 -6.84 2.88 -13.69
C ARG A 356 -6.62 4.20 -12.95
N GLN A 357 -6.54 5.29 -13.70
CA GLN A 357 -6.36 6.63 -13.15
C GLN A 357 -7.39 6.98 -12.06
N PRO A 358 -8.68 6.91 -12.38
CA PRO A 358 -9.71 7.19 -11.37
C PRO A 358 -9.56 6.37 -10.10
N ASP A 359 -9.22 5.09 -10.24
CA ASP A 359 -8.92 4.24 -9.08
C ASP A 359 -7.67 4.64 -8.28
N ALA A 360 -6.62 5.06 -8.98
CA ALA A 360 -5.44 5.52 -8.28
C ALA A 360 -5.79 6.76 -7.47
N LEU A 361 -6.50 7.69 -8.11
CA LEU A 361 -6.89 8.94 -7.46
C LEU A 361 -7.76 8.67 -6.25
N ALA A 362 -8.70 7.73 -6.38
CA ALA A 362 -9.57 7.37 -5.26
C ALA A 362 -8.81 6.77 -4.05
N ILE A 363 -7.97 5.75 -4.27
CA ILE A 363 -7.27 5.16 -3.11
C ILE A 363 -6.27 6.15 -2.50
N GLN A 364 -5.67 6.98 -3.33
CA GLN A 364 -4.79 8.03 -2.84
C GLN A 364 -5.50 8.96 -1.82
N ALA A 365 -6.75 9.31 -2.10
CA ALA A 365 -7.52 10.14 -1.17
C ALA A 365 -7.95 9.35 0.06
N MET A 366 -8.42 8.13 -0.15
CA MET A 366 -8.85 7.28 0.95
C MET A 366 -7.71 6.95 1.92
N ALA A 367 -6.50 6.73 1.38
CA ALA A 367 -5.36 6.51 2.24
C ALA A 367 -5.08 7.76 3.08
N LEU A 368 -5.13 8.94 2.47
CA LEU A 368 -4.91 10.19 3.21
C LEU A 368 -5.93 10.37 4.33
N GLU A 369 -7.19 10.03 4.04
CA GLU A 369 -8.24 10.08 5.02
C GLU A 369 -8.10 9.00 6.10
N ASN A 370 -7.53 7.86 5.74
CA ASN A 370 -7.45 6.75 6.69
C ASN A 370 -6.60 7.08 7.89
N TYR A 371 -5.70 8.03 7.72
CA TYR A 371 -4.83 8.41 8.82
C TYR A 371 -5.61 8.74 10.10
N VAL A 372 -6.61 9.58 9.97
CA VAL A 372 -7.23 10.10 11.19
C VAL A 372 -8.08 9.04 11.88
N GLU A 373 -8.57 8.08 11.13
CA GLU A 373 -9.33 7.00 11.71
C GLU A 373 -8.39 6.20 12.59
N MET A 374 -7.32 5.71 11.98
CA MET A 374 -6.27 4.99 12.68
C MET A 374 -5.64 5.74 13.83
N SER A 375 -5.60 7.07 13.73
CA SER A 375 -4.74 7.85 14.60
C SER A 375 -5.36 8.37 15.88
N SER A 376 -6.68 8.47 15.90
CA SER A 376 -7.32 9.02 17.07
C SER A 376 -7.60 7.92 18.08
N LYS A 377 -7.00 8.04 19.25
CA LYS A 377 -7.27 7.14 20.37
C LYS A 377 -8.74 7.07 20.71
N VAL A 378 -9.38 8.23 20.88
CA VAL A 378 -10.82 8.28 21.13
C VAL A 378 -11.55 8.96 19.96
N ALA A 379 -12.44 8.22 19.31
CA ALA A 379 -13.21 8.81 18.23
C ALA A 379 -14.30 9.70 18.82
N SER A 380 -14.76 10.68 18.04
CA SER A 380 -15.80 11.60 18.48
C SER A 380 -17.16 10.92 18.47
N PRO A 381 -18.03 11.34 19.39
CA PRO A 381 -19.44 10.91 19.47
C PRO A 381 -20.13 10.82 18.10
N THR A 382 -19.76 11.68 17.17
CA THR A 382 -20.34 11.61 15.84
C THR A 382 -19.85 10.38 15.07
N TYR A 383 -18.54 10.26 14.90
CA TYR A 383 -17.96 9.13 14.17
C TYR A 383 -18.39 7.78 14.76
N LEU A 384 -18.49 7.73 16.09
CA LEU A 384 -18.82 6.49 16.79
C LEU A 384 -20.27 6.15 16.57
N LEU A 385 -21.13 7.15 16.65
CA LEU A 385 -22.54 6.95 16.35
C LEU A 385 -22.73 6.52 14.88
N GLU A 386 -22.04 7.17 13.96
CA GLU A 386 -22.15 6.81 12.54
C GLU A 386 -21.71 5.38 12.30
N ARG A 387 -20.60 5.01 12.94
CA ARG A 387 -20.03 3.69 12.76
C ARG A 387 -20.96 2.64 13.34
N GLU A 388 -21.59 2.96 14.45
CA GLU A 388 -22.57 2.03 15.02
C GLU A 388 -23.70 1.81 14.01
N LEU A 389 -24.35 2.90 13.62
CA LEU A 389 -25.46 2.84 12.68
C LEU A 389 -25.07 2.10 11.40
N GLY A 390 -23.85 2.33 10.92
CA GLY A 390 -23.36 1.75 9.69
C GLY A 390 -23.21 0.24 9.72
N GLN A 391 -22.78 -0.28 10.87
CA GLN A 391 -22.76 -1.72 11.10
C GLN A 391 -24.17 -2.29 11.01
N ILE A 392 -25.13 -1.62 11.64
CA ILE A 392 -26.50 -2.09 11.66
C ILE A 392 -27.08 -2.12 10.24
N MET A 393 -26.80 -1.09 9.47
CA MET A 393 -27.27 -1.07 8.10
C MET A 393 -26.54 -2.13 7.28
N ALA A 394 -25.28 -2.40 7.62
CA ALA A 394 -24.49 -3.39 6.90
C ALA A 394 -25.03 -4.81 7.10
N GLN A 395 -25.59 -5.07 8.27
CA GLN A 395 -26.23 -6.35 8.54
C GLN A 395 -27.51 -6.46 7.74
N ARG A 396 -28.33 -5.41 7.77
CA ARG A 396 -29.65 -5.42 7.14
C ARG A 396 -29.66 -5.38 5.61
N GLN A 397 -28.59 -4.87 5.01
CA GLN A 397 -28.54 -4.64 3.55
C GLN A 397 -27.16 -4.90 2.91
N PRO A 398 -26.65 -6.12 3.06
CA PRO A 398 -25.27 -6.42 2.65
C PRO A 398 -25.05 -6.34 1.14
N THR A 399 -26.13 -6.10 0.40
CA THR A 399 -26.07 -5.92 -1.04
C THR A 399 -25.95 -4.42 -1.37
N ARG A 400 -26.13 -3.56 -0.36
CA ARG A 400 -26.21 -2.13 -0.60
C ARG A 400 -25.29 -1.34 0.30
N PHE A 401 -25.27 -1.69 1.58
CA PHE A 401 -24.47 -0.93 2.52
C PHE A 401 -23.27 -1.73 2.98
N ILE A 402 -22.14 -1.47 2.35
CA ILE A 402 -20.91 -2.16 2.71
C ILE A 402 -19.89 -1.11 3.15
N PRO A 403 -19.38 -1.26 4.37
CA PRO A 403 -18.52 -0.21 4.96
C PRO A 403 -17.30 0.04 4.08
N ARG A 404 -16.91 1.31 3.97
CA ARG A 404 -15.85 1.69 3.02
C ARG A 404 -14.56 0.89 3.18
N TYR A 405 -14.14 0.68 4.42
CA TYR A 405 -12.97 -0.15 4.68
C TYR A 405 -13.11 -1.48 3.95
N SER A 406 -14.28 -2.13 4.07
CA SER A 406 -14.49 -3.44 3.45
C SER A 406 -14.50 -3.37 1.91
N MET A 407 -15.23 -2.44 1.34
CA MET A 407 -15.14 -2.23 -0.10
C MET A 407 -13.69 -2.15 -0.61
N VAL A 408 -12.86 -1.38 0.10
CA VAL A 408 -11.46 -1.16 -0.28
C VAL A 408 -10.62 -2.40 -0.07
N THR A 409 -10.71 -2.93 1.14
CA THR A 409 -9.89 -4.01 1.65
C THR A 409 -10.37 -5.39 1.14
N PHE A 410 -11.50 -5.82 1.68
CA PHE A 410 -12.02 -7.18 1.49
C PHE A 410 -12.83 -7.40 0.21
N SER A 411 -12.70 -6.51 -0.77
CA SER A 411 -13.43 -6.69 -2.02
C SER A 411 -12.58 -6.33 -3.24
N ARG A 412 -13.13 -6.55 -4.43
CA ARG A 412 -12.44 -6.15 -5.65
C ARG A 412 -13.11 -4.99 -6.42
N LEU A 413 -14.14 -4.39 -5.83
CA LEU A 413 -14.79 -3.21 -6.38
C LEU A 413 -13.72 -2.18 -6.73
N PRO A 414 -13.77 -1.62 -7.94
CA PRO A 414 -12.84 -0.55 -8.34
C PRO A 414 -12.78 0.52 -7.27
N TYR A 415 -11.58 0.97 -6.94
CA TYR A 415 -11.38 1.93 -5.85
C TYR A 415 -12.31 3.14 -5.95
N ALA A 416 -12.55 3.62 -7.17
CA ALA A 416 -13.40 4.79 -7.40
C ALA A 416 -14.85 4.52 -7.04
N GLN A 417 -15.30 3.29 -7.27
CA GLN A 417 -16.68 2.99 -6.97
C GLN A 417 -16.83 2.90 -5.44
N ALA A 418 -15.78 2.43 -4.78
CA ALA A 418 -15.79 2.39 -3.34
C ALA A 418 -15.94 3.81 -2.83
N MET A 419 -15.15 4.71 -3.38
CA MET A 419 -15.16 6.08 -2.92
C MET A 419 -16.52 6.75 -3.12
N ALA A 420 -17.06 6.64 -4.33
CA ALA A 420 -18.37 7.17 -4.66
C ALA A 420 -19.44 6.63 -3.72
N ARG A 421 -19.41 5.33 -3.45
CA ARG A 421 -20.44 4.74 -2.57
C ARG A 421 -20.31 5.18 -1.12
N GLY A 422 -19.06 5.21 -0.65
CA GLY A 422 -18.77 5.62 0.71
C GLY A 422 -19.15 7.07 0.88
N GLN A 423 -19.20 7.80 -0.24
CA GLN A 423 -19.63 9.19 -0.21
C GLN A 423 -21.11 9.27 0.14
N ILE A 424 -21.94 8.57 -0.65
CA ILE A 424 -23.38 8.47 -0.38
C ILE A 424 -23.67 7.88 1.00
N GLN A 425 -22.99 6.79 1.34
CA GLN A 425 -23.20 6.10 2.61
C GLN A 425 -22.97 7.01 3.81
N GLU A 426 -21.80 7.65 3.83
CA GLU A 426 -21.46 8.59 4.89
C GLU A 426 -22.46 9.74 5.00
N GLN A 427 -22.88 10.29 3.86
CA GLN A 427 -23.92 11.32 3.86
C GLN A 427 -25.16 10.83 4.59
N LEU A 428 -25.59 9.62 4.24
CA LEU A 428 -26.75 8.99 4.83
C LEU A 428 -26.62 8.94 6.33
N LEU A 429 -25.47 8.46 6.80
CA LEU A 429 -25.23 8.31 8.23
C LEU A 429 -25.16 9.65 8.95
N LYS A 430 -24.50 10.62 8.32
CA LYS A 430 -24.34 11.94 8.95
C LYS A 430 -25.70 12.57 9.25
N PHE A 431 -26.60 12.55 8.27
CA PHE A 431 -27.94 13.13 8.47
C PHE A 431 -28.78 12.31 9.42
N ALA A 432 -28.55 10.99 9.48
CA ALA A 432 -29.36 10.15 10.36
C ALA A 432 -28.99 10.39 11.82
N VAL A 433 -27.77 10.85 12.03
CA VAL A 433 -27.19 10.83 13.34
C VAL A 433 -27.22 12.20 14.02
N ALA A 434 -27.11 13.25 13.21
CA ALA A 434 -27.14 14.63 13.71
C ALA A 434 -28.30 14.82 14.65
N ASN A 435 -28.07 15.55 15.73
CA ASN A 435 -29.15 15.89 16.65
C ASN A 435 -29.72 14.64 17.33
N HIS A 436 -28.88 13.62 17.42
CA HIS A 436 -29.17 12.40 18.18
C HIS A 436 -27.98 12.12 19.13
N SER A 437 -28.28 11.62 20.33
CA SER A 437 -27.26 11.36 21.34
C SER A 437 -26.77 9.92 21.28
N ASP A 438 -27.56 9.07 20.63
CA ASP A 438 -27.25 7.65 20.47
C ASP A 438 -28.39 6.96 19.75
N LEU A 439 -28.18 5.69 19.42
CA LEU A 439 -29.10 4.90 18.60
C LEU A 439 -30.53 4.86 19.13
N THR A 440 -30.71 5.03 20.43
CA THR A 440 -32.05 5.00 21.03
C THR A 440 -32.97 5.88 20.22
N SER A 441 -32.47 7.06 19.87
CA SER A 441 -33.27 8.11 19.26
C SER A 441 -33.55 7.91 17.77
N ILE A 442 -32.86 6.96 17.15
CA ILE A 442 -32.88 6.78 15.71
C ILE A 442 -33.81 5.64 15.25
N ASN A 443 -34.78 5.94 14.41
CA ASN A 443 -35.59 4.84 13.88
C ASN A 443 -34.84 4.10 12.78
N LEU A 444 -34.39 2.90 13.11
CA LEU A 444 -33.65 2.02 12.21
C LEU A 444 -34.35 1.73 10.87
N ASP A 445 -35.65 1.44 10.92
CA ASP A 445 -36.43 1.19 9.72
C ASP A 445 -36.44 2.38 8.75
N ALA A 446 -36.53 3.58 9.28
CA ALA A 446 -36.47 4.75 8.44
C ALA A 446 -35.08 4.81 7.81
N VAL A 447 -34.06 4.46 8.57
CA VAL A 447 -32.71 4.54 8.02
C VAL A 447 -32.48 3.48 6.96
N GLU A 448 -32.95 2.27 7.23
CA GLU A 448 -32.92 1.22 6.22
C GLU A 448 -33.68 1.63 4.94
N HIS A 449 -34.83 2.27 5.10
CA HIS A 449 -35.59 2.72 3.94
C HIS A 449 -34.81 3.70 3.06
N GLU A 450 -34.06 4.57 3.71
CA GLU A 450 -33.23 5.55 3.02
C GLU A 450 -32.01 4.89 2.33
N VAL A 451 -31.34 3.98 3.05
CA VAL A 451 -30.31 3.15 2.47
C VAL A 451 -30.77 2.54 1.15
N THR A 452 -31.95 1.91 1.19
CA THR A 452 -32.56 1.25 0.04
C THR A 452 -32.92 2.25 -1.06
N ARG A 453 -33.41 3.42 -0.67
CA ARG A 453 -33.79 4.43 -1.64
C ARG A 453 -32.54 4.97 -2.32
N CYS A 454 -31.43 5.11 -1.57
CA CYS A 454 -30.30 5.91 -2.01
C CYS A 454 -29.14 5.14 -2.59
N LEU A 455 -29.06 3.85 -2.28
CA LEU A 455 -27.92 3.06 -2.69
C LEU A 455 -28.39 1.91 -3.53
N PRO A 456 -28.07 1.96 -4.84
CA PRO A 456 -28.39 0.86 -5.76
C PRO A 456 -27.67 -0.42 -5.31
N PRO A 457 -28.23 -1.58 -5.63
CA PRO A 457 -27.62 -2.88 -5.31
C PRO A 457 -26.21 -2.98 -5.86
PA FAD B . 8.52 -1.01 -5.99
O1A FAD B . 8.00 -2.13 -5.17
O2A FAD B . 9.28 0.08 -5.05
O5B FAD B . 9.47 -1.52 -7.14
C5B FAD B . 10.25 -0.90 -8.15
C4B FAD B . 11.37 -1.93 -8.31
O4B FAD B . 12.03 -0.66 -8.73
C3B FAD B . 12.60 -2.35 -7.47
O3B FAD B . 13.19 -3.49 -8.04
C2B FAD B . 13.29 -0.99 -7.51
O2B FAD B . 14.66 -1.15 -7.11
C1B FAD B . 13.39 -0.91 -9.03
N9A FAD B . 14.04 0.37 -9.47
C8A FAD B . 13.88 1.57 -8.90
N7A FAD B . 14.56 2.48 -9.63
C5A FAD B . 15.11 1.85 -10.67
C6A FAD B . 15.89 2.26 -11.69
N6A FAD B . 16.21 3.56 -11.77
N1A FAD B . 16.34 1.43 -12.64
C2A FAD B . 16.01 0.08 -12.55
N3A FAD B . 15.21 -0.33 -11.48
C4A FAD B . 14.80 0.55 -10.56
N1 FAD B . 1.40 -1.51 0.17
C2 FAD B . 0.44 -2.50 0.47
O2 FAD B . -0.27 -3.02 -0.39
N3 FAD B . 0.26 -2.92 1.79
C4 FAD B . 1.04 -2.37 2.78
O4 FAD B . 0.84 -2.76 3.92
C4X FAD B . 1.98 -1.38 2.51
N5 FAD B . 2.73 -0.83 3.55
C5X FAD B . 3.70 0.16 3.25
C6 FAD B . 4.45 0.74 4.26
C7 FAD B . 5.41 1.71 3.97
C7M FAD B . 6.15 2.25 5.02
C8 FAD B . 5.59 2.13 2.67
C8M FAD B . 6.55 3.12 2.38
C9 FAD B . 4.82 1.56 1.64
C9A FAD B . 3.87 0.57 1.93
N10 FAD B . 3.13 0.01 0.94
C10 FAD B . 2.19 -0.93 1.20
C1' FAD B . 3.36 0.52 -0.43
C2' FAD B . 3.92 -0.56 -1.32
O2' FAD B . 5.14 -0.95 -0.72
C3' FAD B . 4.15 0.04 -2.72
O3' FAD B . 3.01 0.71 -3.23
C4' FAD B . 4.65 -1.03 -3.69
O4' FAD B . 5.94 -1.48 -3.29
C5' FAD B . 4.77 -0.44 -5.11
O5' FAD B . 5.28 -1.49 -5.90
P FAD B . 6.00 -1.12 -7.31
O1P FAD B . 6.35 -2.36 -8.05
O2P FAD B . 5.03 -0.09 -8.15
O3P FAD B . 7.27 -0.32 -6.76
C10 7ZR C . -16.27 7.25 5.22
C15 7ZR C . -19.01 2.84 7.33
C20 7ZR C . -16.88 0.74 9.57
C21 7ZR C . -15.52 1.02 9.64
C22 7ZR C . -14.69 0.20 10.39
C24 7ZR C . -16.57 -1.16 11.06
N26 7ZR C . -13.32 0.47 10.45
O28 7ZR C . -12.65 0.95 9.33
C01 7ZR C . -14.98 9.66 5.85
O02 7ZR C . -15.57 8.84 6.86
C03 7ZR C . -16.37 7.76 6.51
C04 7ZR C . -17.27 7.17 7.40
O05 7ZR C . -17.42 7.60 8.70
C06 7ZR C . -16.98 8.89 9.16
C07 7ZR C . -18.06 6.08 6.98
C08 7ZR C . -17.97 5.57 5.68
C09 7ZR C . -17.06 6.18 4.81
S11 7ZR C . -18.85 4.32 5.15
O12 7ZR C . -18.02 3.38 4.47
O13 7ZR C . -19.90 4.71 4.29
N14 7ZR C . -19.56 3.53 6.31
N16 7ZR C . -17.87 2.12 7.53
C17 7ZR C . -17.88 1.58 8.83
C18 7ZR C . -19.01 1.87 9.58
S19 7ZR C . -20.07 2.84 8.64
C23 7ZR C . -15.22 -0.88 11.09
C25 7ZR C . -17.39 -0.33 10.31
O27 7ZR C . -12.63 0.28 11.65
C KYN D . -5.86 0.02 8.03
N KYN D . -6.00 -1.68 6.30
OXT KYN D . -7.07 0.29 7.82
C1 KYN D . -2.58 -0.91 7.00
N1 KYN D . 0.02 -1.70 6.31
O2 KYN D . -2.35 -2.07 7.26
CA KYN D . -5.13 -1.07 7.26
CB KYN D . -3.96 -0.50 6.50
CG KYN D . -0.15 -0.37 6.76
CZ KYN D . -0.49 2.24 7.64
CD1 KYN D . 0.95 0.49 6.85
CD2 KYN D . -1.42 0.07 7.12
CE1 KYN D . 0.78 1.80 7.29
CE2 KYN D . -1.60 1.37 7.55
O KYN D . -5.25 0.69 8.90
H2 KYN D . -6.64 -1.08 6.05
H KYN D . -6.38 -2.42 6.67
HN1 KYN D . -0.61 -2.33 6.50
HN1A KYN D . 0.77 -1.92 5.84
HA KYN D . -4.80 -1.75 7.88
HB KYN D . -4.04 -0.80 5.57
HBA KYN D . -4.02 0.48 6.52
HZ KYN D . -0.61 3.15 7.96
HD1 KYN D . 1.83 0.17 6.59
HE1 KYN D . 1.54 2.40 7.35
HE2 KYN D . -2.48 1.69 7.81
#